data_3KQO
#
_entry.id   3KQO
#
_cell.length_a   94.267
_cell.length_b   94.267
_cell.length_c   188.956
_cell.angle_alpha   90.000
_cell.angle_beta   90.000
_cell.angle_gamma   90.000
#
_symmetry.space_group_name_H-M   'P 43 21 2'
#
loop_
_entity.id
_entity.type
_entity.pdbx_description
1 polymer 'Phenylethanolamine N-methyltransferase'
2 non-polymer S-ADENOSYL-L-HOMOCYSTEINE
3 non-polymer 6-chloro-9H-purine
4 water water
#
_entity_poly.entity_id   1
_entity_poly.type   'polypeptide(L)'
_entity_poly.pdbx_seq_one_letter_code
;MSGADRSPNAGAAPDSAPGQAAVASAYQRFEPRAYLRNNYAPPRGDLCNPNGVGPWKLRCLAQTFATGEVSGRTLIDIGS
GPTVYQLLSACSHFEDITMTDFLEVNRQELGRWLQEEPGAFNWSMYSQHACLIEGKGECWQDKERQLRARVKRVLPIDVH
QPQPLGAGSPAPLPADALVSAFCLEAVSPDLASFQRALDHITTLLRPGGHLLLIGALEESWYLAGEARLTVVPVSEEEVR
EALVRSGYKVRDLRTYIMPAHLQTGVDDVKGVFFAWAQKVGLEHHHHHH
;
_entity_poly.pdbx_strand_id   A,B
#
# COMPACT_ATOMS: atom_id res chain seq x y z
N ALA A 24 25.43 -27.72 -14.38
CA ALA A 24 24.28 -27.20 -15.11
C ALA A 24 23.13 -28.22 -15.16
N SER A 25 23.41 -29.44 -14.72
CA SER A 25 22.39 -30.49 -14.66
C SER A 25 21.70 -30.41 -13.32
N ALA A 26 22.38 -29.82 -12.34
CA ALA A 26 21.82 -29.62 -11.01
C ALA A 26 20.56 -28.78 -11.11
N TYR A 27 20.54 -27.85 -12.06
CA TYR A 27 19.40 -26.96 -12.25
C TYR A 27 18.17 -27.71 -12.75
N GLN A 28 18.32 -29.01 -12.98
CA GLN A 28 17.19 -29.82 -13.40
C GLN A 28 16.36 -30.26 -12.19
N ARG A 29 16.93 -30.09 -11.00
CA ARG A 29 16.25 -30.44 -9.75
C ARG A 29 15.75 -29.19 -9.01
N PHE A 30 16.04 -28.03 -9.60
CA PHE A 30 15.67 -26.73 -9.04
C PHE A 30 14.15 -26.61 -8.88
N GLU A 31 13.68 -26.47 -7.63
CA GLU A 31 12.25 -26.31 -7.34
C GLU A 31 11.90 -24.84 -7.10
N PRO A 32 11.21 -24.20 -8.06
CA PRO A 32 10.88 -22.77 -7.94
C PRO A 32 10.18 -22.38 -6.63
N ARG A 33 9.20 -23.15 -6.16
CA ARG A 33 8.52 -22.78 -4.92
C ARG A 33 9.50 -22.79 -3.74
N ALA A 34 10.37 -23.79 -3.70
CA ALA A 34 11.35 -23.87 -2.63
C ALA A 34 12.26 -22.65 -2.67
N TYR A 35 12.65 -22.24 -3.87
CA TYR A 35 13.46 -21.04 -4.03
C TYR A 35 12.72 -19.78 -3.57
N LEU A 36 11.46 -19.66 -3.99
CA LEU A 36 10.61 -18.54 -3.60
C LEU A 36 10.41 -18.49 -2.09
N ARG A 37 10.21 -19.65 -1.48
CA ARG A 37 10.12 -19.76 -0.04
C ARG A 37 11.43 -19.29 0.61
N ASN A 38 12.56 -19.73 0.05
CA ASN A 38 13.87 -19.47 0.64
C ASN A 38 14.31 -18.00 0.62
N ASN A 39 13.86 -17.26 -0.40
CA ASN A 39 14.35 -15.91 -0.60
C ASN A 39 13.29 -14.80 -0.58
N TYR A 40 12.03 -15.16 -0.79
CA TYR A 40 11.02 -14.13 -0.96
C TYR A 40 9.84 -14.25 -0.01
N ALA A 41 9.90 -15.23 0.89
CA ALA A 41 9.00 -15.30 2.03
C ALA A 41 9.82 -14.87 3.24
N PRO A 42 9.16 -14.49 4.33
CA PRO A 42 9.90 -14.12 5.55
C PRO A 42 10.93 -15.19 5.90
N PRO A 43 12.06 -14.80 6.53
CA PRO A 43 12.43 -13.44 6.95
C PRO A 43 12.99 -12.54 5.84
N ARG A 44 13.64 -13.11 4.84
CA ARG A 44 14.19 -12.31 3.74
C ARG A 44 13.07 -11.60 3.00
N GLY A 45 11.86 -12.12 3.14
CA GLY A 45 10.71 -11.57 2.45
C GLY A 45 9.97 -10.47 3.20
N ASP A 46 10.31 -10.25 4.47
CA ASP A 46 9.65 -9.19 5.22
C ASP A 46 10.07 -7.83 4.70
N LEU A 47 9.10 -7.06 4.22
CA LEU A 47 9.39 -5.77 3.64
C LEU A 47 9.19 -4.61 4.63
N CYS A 48 8.63 -4.92 5.80
CA CYS A 48 8.34 -3.91 6.81
C CYS A 48 9.59 -3.24 7.41
N ASN A 49 10.65 -4.02 7.62
CA ASN A 49 11.90 -3.45 8.12
C ASN A 49 12.78 -2.91 7.01
N PRO A 50 13.05 -1.60 7.04
CA PRO A 50 13.76 -0.90 5.96
C PRO A 50 15.21 -1.37 5.81
N ASN A 51 15.73 -2.03 6.83
CA ASN A 51 17.11 -2.50 6.80
C ASN A 51 17.28 -3.90 6.22
N GLY A 52 16.17 -4.52 5.84
CA GLY A 52 16.21 -5.84 5.23
C GLY A 52 16.68 -5.81 3.80
N VAL A 53 16.95 -6.98 3.23
CA VAL A 53 17.49 -7.07 1.88
C VAL A 53 16.44 -6.81 0.80
N GLY A 54 15.21 -7.19 1.07
CA GLY A 54 14.11 -6.92 0.15
C GLY A 54 13.99 -5.44 -0.14
N PRO A 55 13.76 -4.63 0.91
CA PRO A 55 13.65 -3.19 0.68
C PRO A 55 14.91 -2.62 0.01
N TRP A 56 16.09 -3.05 0.46
CA TRP A 56 17.33 -2.57 -0.16
C TRP A 56 17.33 -2.82 -1.68
N LYS A 57 16.95 -4.03 -2.10
CA LYS A 57 16.89 -4.33 -3.53
C LYS A 57 15.92 -3.42 -4.28
N LEU A 58 14.70 -3.27 -3.74
CA LEU A 58 13.69 -2.44 -4.39
C LEU A 58 14.13 -0.98 -4.45
N ARG A 59 14.78 -0.56 -3.38
CA ARG A 59 15.30 0.78 -3.26
C ARG A 59 16.35 1.07 -4.35
N CYS A 60 17.27 0.13 -4.55
CA CYS A 60 18.29 0.29 -5.58
C CYS A 60 17.65 0.45 -6.95
N LEU A 61 16.69 -0.41 -7.25
CA LEU A 61 16.05 -0.36 -8.55
C LEU A 61 15.31 0.98 -8.76
N ALA A 62 14.53 1.37 -7.77
CA ALA A 62 13.72 2.57 -7.87
C ALA A 62 14.57 3.83 -8.05
N GLN A 63 15.54 4.02 -7.17
CA GLN A 63 16.41 5.18 -7.21
C GLN A 63 17.07 5.32 -8.57
N THR A 64 17.54 4.20 -9.11
CA THR A 64 18.20 4.18 -10.41
C THR A 64 17.29 4.70 -11.51
N PHE A 65 16.09 4.13 -11.63
CA PHE A 65 15.16 4.56 -12.66
C PHE A 65 14.65 5.98 -12.42
N ALA A 66 14.57 6.37 -11.16
CA ALA A 66 14.06 7.70 -10.82
C ALA A 66 14.98 8.78 -11.37
N THR A 67 16.22 8.42 -11.69
CA THR A 67 17.16 9.37 -12.25
C THR A 67 16.71 9.87 -13.62
N GLY A 68 15.95 9.03 -14.33
CA GLY A 68 15.50 9.37 -15.67
C GLY A 68 16.58 9.18 -16.72
N GLU A 69 17.69 8.55 -16.35
CA GLU A 69 18.79 8.32 -17.28
C GLU A 69 18.74 6.92 -17.90
N VAL A 70 17.84 6.09 -17.38
CA VAL A 70 17.66 4.74 -17.91
C VAL A 70 16.31 4.64 -18.57
N SER A 71 16.28 4.88 -19.87
CA SER A 71 15.05 4.94 -20.61
C SER A 71 15.22 4.32 -21.98
N GLY A 72 14.10 4.13 -22.67
CA GLY A 72 14.12 3.47 -23.97
C GLY A 72 12.81 2.79 -24.21
N ARG A 73 12.80 1.84 -25.14
CA ARG A 73 11.57 1.23 -25.60
C ARG A 73 11.51 -0.24 -25.24
N THR A 74 12.65 -0.91 -25.27
CA THR A 74 12.67 -2.34 -25.01
C THR A 74 13.69 -2.72 -23.94
N LEU A 75 13.34 -3.75 -23.17
CA LEU A 75 14.16 -4.19 -22.07
C LEU A 75 14.11 -5.71 -21.92
N ILE A 76 15.24 -6.32 -21.62
CA ILE A 76 15.27 -7.75 -21.37
C ILE A 76 15.77 -8.06 -19.98
N ASP A 77 15.04 -8.93 -19.30
CA ASP A 77 15.41 -9.38 -17.96
C ASP A 77 16.05 -10.74 -18.08
N ILE A 78 17.30 -10.85 -17.60
CA ILE A 78 18.15 -12.01 -17.82
C ILE A 78 18.12 -12.98 -16.65
N GLY A 79 17.59 -14.17 -16.85
CA GLY A 79 17.50 -15.16 -15.80
C GLY A 79 16.49 -14.75 -14.74
N SER A 80 15.29 -14.41 -15.20
CA SER A 80 14.22 -13.95 -14.34
C SER A 80 13.91 -14.94 -13.23
N GLY A 81 14.17 -16.22 -13.48
CA GLY A 81 13.67 -17.26 -12.62
C GLY A 81 12.16 -17.14 -12.49
N PRO A 82 11.61 -17.49 -11.32
CA PRO A 82 10.18 -17.37 -11.07
C PRO A 82 9.83 -16.05 -10.36
N THR A 83 10.60 -15.00 -10.55
CA THR A 83 10.36 -13.75 -9.80
C THR A 83 10.14 -12.54 -10.70
N VAL A 84 9.37 -11.57 -10.23
CA VAL A 84 9.03 -10.40 -11.02
C VAL A 84 9.39 -9.07 -10.36
N TYR A 85 9.75 -9.10 -9.07
CA TYR A 85 10.02 -7.87 -8.31
C TYR A 85 11.05 -7.00 -9.02
N GLN A 86 11.98 -7.63 -9.73
CA GLN A 86 13.10 -6.91 -10.33
C GLN A 86 12.67 -5.96 -11.44
N LEU A 87 11.42 -6.07 -11.89
CA LEU A 87 10.91 -5.22 -12.96
C LEU A 87 9.84 -4.22 -12.50
N LEU A 88 9.52 -4.23 -11.21
CA LEU A 88 8.43 -3.40 -10.69
C LEU A 88 8.65 -1.92 -10.95
N SER A 89 9.86 -1.44 -10.74
CA SER A 89 10.18 -0.04 -10.96
C SER A 89 10.53 0.20 -12.42
N ALA A 90 10.93 -0.86 -13.11
CA ALA A 90 11.40 -0.74 -14.47
C ALA A 90 10.26 -0.53 -15.45
N CYS A 91 9.14 -1.21 -15.20
CA CYS A 91 8.08 -1.34 -16.21
C CYS A 91 7.49 -0.03 -16.72
N SER A 92 7.52 1.02 -15.90
CA SER A 92 6.99 2.31 -16.34
C SER A 92 7.97 3.10 -17.22
N HIS A 93 9.12 2.51 -17.52
CA HIS A 93 10.11 3.14 -18.38
C HIS A 93 10.32 2.42 -19.71
N PHE A 94 9.67 1.26 -19.87
CA PHE A 94 9.88 0.43 -21.04
C PHE A 94 8.59 -0.25 -21.48
N GLU A 95 8.19 0.00 -22.73
CA GLU A 95 6.90 -0.48 -23.23
C GLU A 95 6.94 -1.93 -23.67
N ASP A 96 8.12 -2.39 -24.08
CA ASP A 96 8.29 -3.78 -24.48
C ASP A 96 9.28 -4.49 -23.58
N ILE A 97 8.80 -5.44 -22.79
CA ILE A 97 9.66 -6.18 -21.88
C ILE A 97 9.73 -7.66 -22.24
N THR A 98 10.94 -8.21 -22.19
CA THR A 98 11.16 -9.64 -22.36
C THR A 98 11.71 -10.24 -21.08
N MET A 99 11.00 -11.23 -20.53
CA MET A 99 11.52 -11.98 -19.40
C MET A 99 12.13 -13.27 -19.92
N THR A 100 13.07 -13.82 -19.18
CA THR A 100 13.76 -15.02 -19.63
C THR A 100 14.15 -15.94 -18.47
N ASP A 101 14.21 -17.24 -18.75
CA ASP A 101 14.92 -18.14 -17.87
C ASP A 101 15.34 -19.42 -18.58
N PHE A 102 16.36 -20.07 -18.04
CA PHE A 102 16.85 -21.33 -18.58
C PHE A 102 15.81 -22.43 -18.41
N LEU A 103 15.20 -22.48 -17.22
CA LEU A 103 14.27 -23.55 -16.88
C LEU A 103 12.83 -23.30 -17.33
N GLU A 104 12.20 -24.35 -17.85
CA GLU A 104 10.81 -24.33 -18.25
C GLU A 104 9.88 -24.11 -17.05
N VAL A 105 10.18 -24.75 -15.92
CA VAL A 105 9.35 -24.61 -14.73
C VAL A 105 9.28 -23.16 -14.25
N ASN A 106 10.42 -22.45 -14.30
CA ASN A 106 10.42 -21.03 -13.96
C ASN A 106 9.60 -20.19 -14.93
N ARG A 107 9.65 -20.53 -16.21
CA ARG A 107 8.87 -19.82 -17.21
C ARG A 107 7.37 -20.04 -17.01
N GLN A 108 7.01 -21.21 -16.51
CA GLN A 108 5.62 -21.52 -16.21
C GLN A 108 5.16 -20.76 -14.98
N GLU A 109 6.04 -20.68 -13.98
CA GLU A 109 5.71 -19.98 -12.75
C GLU A 109 5.46 -18.50 -13.06
N LEU A 110 6.26 -17.95 -13.98
CA LEU A 110 6.07 -16.57 -14.44
C LEU A 110 4.75 -16.42 -15.16
N GLY A 111 4.47 -17.36 -16.06
CA GLY A 111 3.22 -17.36 -16.81
C GLY A 111 2.03 -17.32 -15.89
N ARG A 112 2.08 -18.09 -14.81
CA ARG A 112 0.98 -18.13 -13.85
C ARG A 112 0.71 -16.77 -13.20
N TRP A 113 1.76 -16.00 -12.96
CA TRP A 113 1.56 -14.68 -12.38
C TRP A 113 1.11 -13.68 -13.43
N LEU A 114 1.76 -13.73 -14.59
CA LEU A 114 1.39 -12.84 -15.67
C LEU A 114 -0.07 -13.00 -16.10
N GLN A 115 -0.54 -14.25 -16.15
CA GLN A 115 -1.89 -14.56 -16.60
C GLN A 115 -2.89 -14.62 -15.44
N GLU A 116 -2.44 -14.21 -14.26
CA GLU A 116 -3.28 -14.23 -13.06
C GLU A 116 -3.93 -15.60 -12.80
N GLU A 117 -3.20 -16.66 -13.15
CA GLU A 117 -3.70 -18.03 -12.97
C GLU A 117 -3.72 -18.43 -11.50
N PRO A 118 -4.28 -19.61 -11.20
CA PRO A 118 -4.30 -20.11 -9.82
C PRO A 118 -2.93 -20.62 -9.39
N GLY A 119 -2.60 -20.45 -8.11
CA GLY A 119 -1.34 -20.93 -7.58
C GLY A 119 -0.19 -19.97 -7.82
N ALA A 120 -0.47 -18.87 -8.50
CA ALA A 120 0.54 -17.85 -8.74
C ALA A 120 1.15 -17.39 -7.42
N PHE A 121 2.45 -17.09 -7.44
CA PHE A 121 3.07 -16.48 -6.28
C PHE A 121 2.46 -15.09 -6.08
N ASN A 122 2.27 -14.70 -4.83
CA ASN A 122 1.70 -13.41 -4.53
C ASN A 122 2.80 -12.38 -4.34
N TRP A 123 2.95 -11.49 -5.32
CA TRP A 123 4.01 -10.48 -5.27
C TRP A 123 3.49 -9.13 -4.77
N SER A 124 2.26 -9.11 -4.27
CA SER A 124 1.59 -7.85 -3.95
C SER A 124 2.30 -7.01 -2.89
N MET A 125 2.93 -7.66 -1.91
CA MET A 125 3.73 -6.92 -0.92
C MET A 125 4.83 -6.12 -1.59
N TYR A 126 5.46 -6.72 -2.61
CA TYR A 126 6.56 -6.09 -3.33
C TYR A 126 6.04 -4.96 -4.22
N SER A 127 4.90 -5.20 -4.86
CA SER A 127 4.26 -4.18 -5.69
C SER A 127 3.89 -2.98 -4.83
N GLN A 128 3.35 -3.26 -3.64
CA GLN A 128 2.99 -2.21 -2.70
C GLN A 128 4.22 -1.44 -2.26
N HIS A 129 5.30 -2.17 -1.97
CA HIS A 129 6.50 -1.52 -1.47
C HIS A 129 7.18 -0.68 -2.53
N ALA A 130 7.12 -1.14 -3.78
CA ALA A 130 7.66 -0.37 -4.89
C ALA A 130 6.88 0.94 -5.03
N CYS A 131 5.55 0.86 -4.96
CA CYS A 131 4.73 2.07 -5.02
C CYS A 131 5.07 3.00 -3.86
N LEU A 132 5.27 2.42 -2.69
CA LEU A 132 5.67 3.17 -1.50
C LEU A 132 6.95 3.95 -1.76
N ILE A 133 8.01 3.22 -2.12
CA ILE A 133 9.33 3.80 -2.38
C ILE A 133 9.32 4.82 -3.52
N GLU A 134 8.64 4.50 -4.61
CA GLU A 134 8.65 5.35 -5.80
C GLU A 134 8.02 6.71 -5.53
N GLY A 135 7.09 6.76 -4.58
CA GLY A 135 6.52 8.02 -4.12
C GLY A 135 5.75 8.81 -5.16
N LYS A 136 4.95 8.11 -5.97
CA LYS A 136 4.19 8.77 -7.03
C LYS A 136 2.70 8.67 -6.78
N GLY A 137 2.33 8.03 -5.66
CA GLY A 137 0.94 7.86 -5.31
C GLY A 137 0.22 6.72 -6.03
N GLU A 138 0.97 5.90 -6.73
CA GLU A 138 0.37 4.82 -7.53
C GLU A 138 -0.16 3.68 -6.66
N CYS A 139 -1.38 3.24 -6.94
CA CYS A 139 -1.89 2.04 -6.28
C CYS A 139 -1.15 0.83 -6.84
N TRP A 140 -1.00 -0.19 -6.00
CA TRP A 140 -0.18 -1.33 -6.37
C TRP A 140 -0.80 -2.14 -7.50
N GLN A 141 -2.13 -2.09 -7.62
CA GLN A 141 -2.81 -2.81 -8.69
C GLN A 141 -2.49 -2.23 -10.06
N ASP A 142 -2.33 -0.91 -10.12
CA ASP A 142 -1.99 -0.26 -11.38
C ASP A 142 -0.59 -0.68 -11.78
N LYS A 143 0.29 -0.71 -10.79
CA LYS A 143 1.67 -1.14 -10.95
C LYS A 143 1.73 -2.52 -11.60
N GLU A 144 1.03 -3.48 -11.02
CA GLU A 144 1.02 -4.85 -11.51
C GLU A 144 0.40 -4.92 -12.90
N ARG A 145 -0.67 -4.17 -13.08
CA ARG A 145 -1.40 -4.13 -14.33
C ARG A 145 -0.45 -3.71 -15.46
N GLN A 146 0.34 -2.68 -15.18
CA GLN A 146 1.26 -2.14 -16.17
C GLN A 146 2.38 -3.13 -16.48
N LEU A 147 2.90 -3.76 -15.42
CA LEU A 147 3.97 -4.74 -15.59
C LEU A 147 3.48 -5.90 -16.46
N ARG A 148 2.31 -6.44 -16.14
CA ARG A 148 1.74 -7.55 -16.87
C ARG A 148 1.50 -7.19 -18.33
N ALA A 149 1.16 -5.93 -18.56
CA ALA A 149 0.83 -5.46 -19.90
C ALA A 149 2.07 -5.29 -20.75
N ARG A 150 3.16 -4.85 -20.11
CA ARG A 150 4.39 -4.55 -20.83
C ARG A 150 5.32 -5.75 -21.02
N VAL A 151 5.14 -6.79 -20.22
CA VAL A 151 5.85 -8.05 -20.47
C VAL A 151 5.22 -8.71 -21.67
N LYS A 152 5.91 -8.67 -22.81
CA LYS A 152 5.38 -9.22 -24.04
C LYS A 152 5.60 -10.73 -24.12
N ARG A 153 6.75 -11.18 -23.66
CA ARG A 153 7.14 -12.56 -23.89
C ARG A 153 8.07 -13.09 -22.80
N VAL A 154 7.94 -14.39 -22.53
CA VAL A 154 8.84 -15.08 -21.63
C VAL A 154 9.59 -16.13 -22.44
N LEU A 155 10.91 -16.01 -22.51
CA LEU A 155 11.72 -16.81 -23.42
C LEU A 155 12.77 -17.68 -22.75
N PRO A 156 13.06 -18.83 -23.37
CA PRO A 156 14.22 -19.65 -22.98
C PRO A 156 15.48 -18.84 -23.17
N ILE A 157 16.50 -19.11 -22.37
CA ILE A 157 17.76 -18.39 -22.47
C ILE A 157 18.88 -19.19 -21.82
N ASP A 158 20.09 -19.03 -22.34
CA ASP A 158 21.26 -19.67 -21.76
C ASP A 158 22.47 -18.77 -21.96
N VAL A 159 22.91 -18.14 -20.88
CA VAL A 159 23.98 -17.14 -20.95
C VAL A 159 25.32 -17.77 -21.33
N HIS A 160 25.43 -19.09 -21.18
CA HIS A 160 26.67 -19.77 -21.54
C HIS A 160 26.83 -19.84 -23.06
N GLN A 161 25.76 -19.49 -23.78
CA GLN A 161 25.81 -19.47 -25.24
C GLN A 161 26.12 -18.08 -25.77
N PRO A 162 27.05 -17.98 -26.74
CA PRO A 162 27.44 -16.73 -27.40
C PRO A 162 26.23 -15.94 -27.85
N GLN A 163 25.21 -16.63 -28.28
CA GLN A 163 23.90 -16.02 -28.53
C GLN A 163 22.93 -16.62 -27.52
N PRO A 164 22.78 -15.97 -26.37
CA PRO A 164 22.01 -16.49 -25.22
C PRO A 164 20.56 -16.78 -25.58
N LEU A 165 19.99 -15.93 -26.43
CA LEU A 165 18.59 -16.06 -26.82
C LEU A 165 18.42 -16.95 -28.05
N GLY A 166 19.52 -17.44 -28.59
CA GLY A 166 19.46 -18.23 -29.79
C GLY A 166 19.44 -17.36 -31.04
N ALA A 167 19.16 -17.99 -32.18
CA ALA A 167 19.36 -17.38 -33.49
C ALA A 167 18.33 -16.33 -33.88
N GLY A 168 17.07 -16.74 -34.03
CA GLY A 168 16.03 -15.85 -34.48
C GLY A 168 14.95 -15.64 -33.44
N SER A 169 15.32 -14.97 -32.35
CA SER A 169 14.43 -14.80 -31.22
C SER A 169 13.35 -13.74 -31.46
N PRO A 170 12.16 -13.95 -30.88
CA PRO A 170 11.04 -13.03 -30.92
C PRO A 170 11.37 -11.72 -30.24
N ALA A 171 12.48 -11.68 -29.51
CA ALA A 171 12.87 -10.50 -28.77
C ALA A 171 13.47 -9.43 -29.70
N PRO A 172 13.03 -8.18 -29.52
CA PRO A 172 13.63 -7.06 -30.27
C PRO A 172 15.07 -6.85 -29.83
N LEU A 173 15.99 -6.78 -30.79
CA LEU A 173 17.39 -6.55 -30.48
C LEU A 173 17.97 -5.47 -31.39
N PRO A 174 18.93 -4.69 -30.87
CA PRO A 174 19.41 -4.83 -29.50
C PRO A 174 18.48 -4.13 -28.54
N ALA A 175 18.47 -4.57 -27.28
CA ALA A 175 17.65 -3.95 -26.25
C ALA A 175 18.22 -2.59 -25.84
N ASP A 176 17.35 -1.69 -25.41
CA ASP A 176 17.82 -0.42 -24.90
C ASP A 176 18.40 -0.56 -23.49
N ALA A 177 18.10 -1.67 -22.83
CA ALA A 177 18.54 -1.90 -21.46
C ALA A 177 18.39 -3.36 -21.02
N LEU A 178 19.23 -3.78 -20.08
CA LEU A 178 19.15 -5.11 -19.50
C LEU A 178 19.02 -5.05 -17.98
N VAL A 179 18.31 -6.04 -17.43
CA VAL A 179 18.28 -6.25 -15.99
C VAL A 179 18.65 -7.71 -15.75
N SER A 180 19.41 -7.98 -14.69
CA SER A 180 19.72 -9.36 -14.35
C SER A 180 20.00 -9.47 -12.86
N ALA A 181 19.25 -10.32 -12.19
CA ALA A 181 19.35 -10.42 -10.74
C ALA A 181 19.69 -11.85 -10.36
N PHE A 182 20.84 -12.00 -9.70
CA PHE A 182 21.24 -13.28 -9.10
C PHE A 182 21.34 -14.41 -10.12
N CYS A 183 21.64 -14.06 -11.36
CA CYS A 183 21.78 -15.09 -12.39
C CYS A 183 23.24 -15.49 -12.62
N LEU A 184 24.01 -14.59 -13.22
CA LEU A 184 25.37 -14.90 -13.68
C LEU A 184 26.21 -15.68 -12.67
N GLU A 185 26.41 -15.12 -11.48
CA GLU A 185 27.25 -15.77 -10.48
C GLU A 185 26.67 -17.12 -10.07
N ALA A 186 25.35 -17.25 -10.20
CA ALA A 186 24.65 -18.47 -9.77
C ALA A 186 24.68 -19.58 -10.81
N VAL A 187 25.16 -19.28 -12.03
CA VAL A 187 25.23 -20.27 -13.09
C VAL A 187 26.67 -20.50 -13.56
N SER A 188 27.61 -19.82 -12.90
CA SER A 188 29.03 -19.87 -13.30
C SER A 188 29.91 -20.57 -12.26
N PRO A 189 30.73 -21.53 -12.70
CA PRO A 189 31.63 -22.27 -11.81
C PRO A 189 32.78 -21.43 -11.29
N ASP A 190 33.18 -20.39 -12.04
CA ASP A 190 34.34 -19.61 -11.67
C ASP A 190 34.34 -18.25 -12.34
N LEU A 191 35.28 -17.40 -11.95
CA LEU A 191 35.29 -16.01 -12.37
C LEU A 191 35.28 -15.89 -13.90
N ALA A 192 36.05 -16.75 -14.56
CA ALA A 192 36.19 -16.70 -16.01
C ALA A 192 34.90 -17.08 -16.73
N SER A 193 34.24 -18.11 -16.24
CA SER A 193 32.94 -18.47 -16.79
C SER A 193 31.95 -17.31 -16.56
N PHE A 194 32.07 -16.67 -15.40
CA PHE A 194 31.25 -15.52 -15.05
C PHE A 194 31.50 -14.39 -16.04
N GLN A 195 32.76 -14.15 -16.35
CA GLN A 195 33.15 -13.08 -17.27
C GLN A 195 32.62 -13.33 -18.68
N ARG A 196 32.66 -14.58 -19.12
CA ARG A 196 32.17 -14.91 -20.45
C ARG A 196 30.66 -14.73 -20.51
N ALA A 197 29.97 -15.29 -19.52
CA ALA A 197 28.52 -15.13 -19.41
C ALA A 197 28.14 -13.65 -19.55
N LEU A 198 28.88 -12.78 -18.87
CA LEU A 198 28.64 -11.34 -18.98
C LEU A 198 28.92 -10.83 -20.39
N ASP A 199 29.98 -11.34 -21.01
CA ASP A 199 30.31 -10.96 -22.39
C ASP A 199 29.14 -11.35 -23.31
N HIS A 200 28.61 -12.55 -23.10
CA HIS A 200 27.50 -13.04 -23.89
C HIS A 200 26.23 -12.16 -23.79
N ILE A 201 25.83 -11.79 -22.57
CA ILE A 201 24.62 -10.99 -22.44
C ILE A 201 24.83 -9.54 -22.87
N THR A 202 26.07 -9.09 -22.85
CA THR A 202 26.38 -7.73 -23.28
C THR A 202 26.07 -7.54 -24.77
N THR A 203 26.14 -8.63 -25.54
CA THR A 203 25.87 -8.57 -26.98
C THR A 203 24.41 -8.25 -27.28
N LEU A 204 23.54 -8.49 -26.30
CA LEU A 204 22.11 -8.22 -26.46
C LEU A 204 21.82 -6.74 -26.26
N LEU A 205 22.82 -6.00 -25.80
CA LEU A 205 22.62 -4.62 -25.36
C LEU A 205 23.15 -3.62 -26.37
N ARG A 206 22.28 -2.70 -26.77
CA ARG A 206 22.65 -1.63 -27.68
C ARG A 206 23.78 -0.80 -27.08
N PRO A 207 24.73 -0.35 -27.91
CA PRO A 207 25.78 0.51 -27.38
C PRO A 207 25.15 1.73 -26.74
N GLY A 208 25.62 2.13 -25.56
CA GLY A 208 25.02 3.22 -24.84
C GLY A 208 23.91 2.73 -23.93
N GLY A 209 23.54 1.47 -24.11
CA GLY A 209 22.50 0.85 -23.30
C GLY A 209 22.90 0.76 -21.85
N HIS A 210 21.95 0.38 -21.00
CA HIS A 210 22.19 0.30 -19.57
C HIS A 210 21.96 -1.11 -19.03
N LEU A 211 22.83 -1.51 -18.12
CA LEU A 211 22.68 -2.79 -17.44
C LEU A 211 22.49 -2.57 -15.95
N LEU A 212 21.39 -3.10 -15.42
CA LEU A 212 21.21 -3.15 -13.97
C LEU A 212 21.47 -4.58 -13.54
N LEU A 213 22.56 -4.77 -12.81
CA LEU A 213 22.97 -6.11 -12.40
C LEU A 213 22.95 -6.20 -10.89
N ILE A 214 22.16 -7.14 -10.37
CA ILE A 214 22.09 -7.42 -8.95
C ILE A 214 22.54 -8.84 -8.72
N GLY A 215 23.27 -9.08 -7.64
CA GLY A 215 23.79 -10.43 -7.41
C GLY A 215 24.35 -10.71 -6.04
N ALA A 216 24.61 -12.00 -5.78
CA ALA A 216 25.14 -12.43 -4.50
C ALA A 216 26.64 -12.19 -4.38
N LEU A 217 27.10 -11.81 -3.20
CA LEU A 217 28.52 -11.54 -2.94
C LEU A 217 29.11 -12.62 -2.05
N GLU A 218 30.19 -13.24 -2.53
CA GLU A 218 30.92 -14.23 -1.75
C GLU A 218 30.06 -15.44 -1.38
N GLU A 219 29.18 -15.83 -2.29
CA GLU A 219 28.36 -17.02 -2.10
C GLU A 219 28.95 -18.17 -2.91
N SER A 220 28.86 -19.39 -2.35
CA SER A 220 29.38 -20.58 -3.04
C SER A 220 28.33 -21.66 -3.28
N TRP A 221 27.21 -21.59 -2.58
CA TRP A 221 26.11 -22.54 -2.80
C TRP A 221 24.80 -22.00 -2.29
N TYR A 222 23.71 -22.53 -2.83
CA TYR A 222 22.39 -22.31 -2.27
C TYR A 222 21.50 -23.47 -2.68
N LEU A 223 20.42 -23.65 -1.94
CA LEU A 223 19.52 -24.77 -2.14
C LEU A 223 18.21 -24.31 -2.75
N ALA A 224 17.64 -25.15 -3.61
CA ALA A 224 16.31 -24.91 -4.13
C ALA A 224 15.52 -26.22 -4.11
N GLY A 225 15.04 -26.59 -2.93
CA GLY A 225 14.38 -27.87 -2.75
C GLY A 225 15.39 -29.00 -2.78
N GLU A 226 15.24 -29.89 -3.74
CA GLU A 226 16.14 -31.03 -3.86
C GLU A 226 17.44 -30.64 -4.56
N ALA A 227 17.47 -29.42 -5.10
CA ALA A 227 18.64 -28.98 -5.85
C ALA A 227 19.65 -28.26 -4.98
N ARG A 228 20.91 -28.64 -5.14
CA ARG A 228 22.01 -27.98 -4.46
C ARG A 228 22.88 -27.34 -5.53
N LEU A 229 22.83 -26.01 -5.62
CA LEU A 229 23.51 -25.33 -6.72
C LEU A 229 24.87 -24.80 -6.30
N THR A 230 25.78 -24.75 -7.25
CA THR A 230 27.10 -24.20 -7.02
C THR A 230 27.13 -22.75 -7.48
N VAL A 231 27.87 -21.92 -6.76
CA VAL A 231 27.94 -20.50 -7.05
C VAL A 231 29.41 -20.07 -6.99
N VAL A 232 29.84 -19.22 -7.91
CA VAL A 232 31.16 -18.64 -7.81
C VAL A 232 31.10 -17.46 -6.86
N PRO A 233 31.95 -17.48 -5.81
CA PRO A 233 32.00 -16.42 -4.81
C PRO A 233 32.70 -15.19 -5.39
N VAL A 234 31.95 -14.11 -5.63
CA VAL A 234 32.54 -12.92 -6.21
C VAL A 234 32.50 -11.71 -5.28
N SER A 235 33.53 -10.87 -5.39
CA SER A 235 33.63 -9.66 -4.59
C SER A 235 33.15 -8.46 -5.40
N GLU A 236 32.90 -7.36 -4.70
CA GLU A 236 32.52 -6.11 -5.34
C GLU A 236 33.58 -5.65 -6.35
N GLU A 237 34.85 -5.86 -6.00
CA GLU A 237 35.94 -5.45 -6.87
C GLU A 237 36.02 -6.37 -8.09
N GLU A 238 35.75 -7.65 -7.88
CA GLU A 238 35.71 -8.58 -9.00
C GLU A 238 34.57 -8.21 -9.95
N VAL A 239 33.39 -7.93 -9.39
CA VAL A 239 32.24 -7.54 -10.20
C VAL A 239 32.56 -6.30 -11.04
N ARG A 240 33.10 -5.28 -10.39
CA ARG A 240 33.46 -4.05 -11.11
C ARG A 240 34.39 -4.34 -12.28
N GLU A 241 35.46 -5.08 -12.03
CA GLU A 241 36.47 -5.34 -13.05
C GLU A 241 35.86 -6.09 -14.24
N ALA A 242 34.91 -6.98 -13.93
CA ALA A 242 34.23 -7.72 -14.98
C ALA A 242 33.43 -6.81 -15.91
N LEU A 243 32.69 -5.88 -15.33
CA LEU A 243 31.90 -4.94 -16.11
C LEU A 243 32.79 -4.10 -17.00
N VAL A 244 33.91 -3.63 -16.46
CA VAL A 244 34.89 -2.92 -17.25
C VAL A 244 35.42 -3.77 -18.40
N ARG A 245 35.78 -5.02 -18.11
CA ARG A 245 36.29 -5.93 -19.14
C ARG A 245 35.29 -6.15 -20.27
N SER A 246 34.00 -6.00 -19.95
CA SER A 246 32.95 -6.26 -20.94
C SER A 246 32.57 -4.99 -21.69
N GLY A 247 33.24 -3.89 -21.38
CA GLY A 247 33.03 -2.65 -22.11
C GLY A 247 32.04 -1.70 -21.45
N TYR A 248 31.83 -1.86 -20.14
CA TYR A 248 30.90 -1.00 -19.42
C TYR A 248 31.61 0.12 -18.67
N LYS A 249 30.94 1.26 -18.56
CA LYS A 249 31.35 2.29 -17.61
C LYS A 249 30.47 2.12 -16.39
N VAL A 250 31.08 1.79 -15.25
CA VAL A 250 30.34 1.58 -14.02
C VAL A 250 29.80 2.91 -13.49
N ARG A 251 28.50 3.12 -13.63
CA ARG A 251 27.85 4.36 -13.20
C ARG A 251 27.61 4.32 -11.69
N ASP A 252 27.36 3.12 -11.17
CA ASP A 252 27.12 2.96 -9.75
C ASP A 252 27.29 1.51 -9.32
N LEU A 253 27.84 1.32 -8.13
CA LEU A 253 28.03 -0.02 -7.58
C LEU A 253 27.98 0.02 -6.05
N ARG A 254 26.95 -0.61 -5.48
CA ARG A 254 26.74 -0.58 -4.03
C ARG A 254 26.68 -1.97 -3.43
N THR A 255 26.97 -2.07 -2.14
CA THR A 255 26.91 -3.33 -1.43
C THR A 255 25.98 -3.28 -0.22
N TYR A 256 25.17 -4.32 -0.08
CA TYR A 256 24.40 -4.53 1.14
C TYR A 256 25.02 -5.73 1.84
N ILE A 257 25.46 -5.53 3.07
CA ILE A 257 26.02 -6.61 3.87
C ILE A 257 24.91 -7.38 4.57
N MET A 258 24.86 -8.69 4.34
CA MET A 258 23.77 -9.53 4.83
C MET A 258 23.81 -9.70 6.36
N PRO A 259 22.77 -9.22 7.04
CA PRO A 259 22.81 -9.33 8.51
C PRO A 259 22.58 -10.77 8.97
N ALA A 260 22.99 -11.05 10.20
CA ALA A 260 22.92 -12.38 10.77
C ALA A 260 21.51 -12.96 10.75
N HIS A 261 20.50 -12.12 11.04
CA HIS A 261 19.12 -12.61 11.10
C HIS A 261 18.59 -13.07 9.74
N LEU A 262 19.27 -12.68 8.66
CA LEU A 262 18.88 -13.13 7.33
C LEU A 262 19.83 -14.22 6.77
N GLN A 263 20.70 -14.75 7.62
CA GLN A 263 21.55 -15.87 7.22
C GLN A 263 20.92 -17.17 7.69
N THR A 264 20.20 -17.85 6.79
CA THR A 264 19.18 -18.83 7.21
C THR A 264 19.41 -20.28 6.85
N GLY A 265 20.61 -20.65 6.42
CA GLY A 265 20.83 -22.03 6.07
C GLY A 265 20.42 -22.44 4.67
N VAL A 266 19.76 -21.53 3.95
CA VAL A 266 19.41 -21.79 2.54
C VAL A 266 20.59 -21.57 1.60
N ASP A 267 21.58 -20.81 2.07
CA ASP A 267 22.77 -20.54 1.28
C ASP A 267 23.88 -20.00 2.17
N ASP A 268 24.97 -19.54 1.58
CA ASP A 268 26.05 -18.94 2.37
C ASP A 268 26.41 -17.52 1.90
N VAL A 269 25.42 -16.81 1.37
CA VAL A 269 25.62 -15.47 0.84
C VAL A 269 26.12 -14.56 1.96
N LYS A 270 27.01 -13.64 1.60
CA LYS A 270 27.59 -12.72 2.58
C LYS A 270 27.05 -11.31 2.41
N GLY A 271 26.70 -10.97 1.18
CA GLY A 271 26.21 -9.64 0.86
C GLY A 271 25.54 -9.64 -0.50
N VAL A 272 25.00 -8.50 -0.88
CA VAL A 272 24.37 -8.37 -2.19
C VAL A 272 24.93 -7.15 -2.88
N PHE A 273 25.24 -7.27 -4.16
CA PHE A 273 25.77 -6.13 -4.90
C PHE A 273 24.73 -5.61 -5.87
N PHE A 274 24.70 -4.30 -6.02
CA PHE A 274 23.89 -3.67 -7.07
C PHE A 274 24.80 -2.85 -7.96
N ALA A 275 24.73 -3.12 -9.25
CA ALA A 275 25.56 -2.38 -10.21
C ALA A 275 24.72 -1.75 -11.31
N TRP A 276 24.93 -0.45 -11.52
CA TRP A 276 24.37 0.26 -12.67
C TRP A 276 25.49 0.55 -13.66
N ALA A 277 25.46 -0.10 -14.81
CA ALA A 277 26.52 0.04 -15.81
C ALA A 277 25.98 0.49 -17.17
N GLN A 278 26.78 1.28 -17.88
CA GLN A 278 26.41 1.74 -19.21
C GLN A 278 27.40 1.28 -20.27
N LYS A 279 26.90 0.52 -21.25
CA LYS A 279 27.72 0.01 -22.34
C LYS A 279 28.30 1.14 -23.18
N VAL A 280 29.61 1.15 -23.33
CA VAL A 280 30.27 2.12 -24.18
C VAL A 280 30.82 1.46 -25.44
N PRO B 14 -37.81 23.22 20.41
CA PRO B 14 -39.00 22.36 20.31
C PRO B 14 -38.75 20.95 20.82
N ASP B 15 -39.54 20.00 20.31
CA ASP B 15 -39.50 18.62 20.76
C ASP B 15 -38.48 17.82 19.96
N SER B 16 -37.53 17.21 20.66
CA SER B 16 -36.50 16.42 19.97
C SER B 16 -36.81 14.92 20.01
N ALA B 17 -37.49 14.48 21.06
CA ALA B 17 -37.75 13.06 21.28
C ALA B 17 -38.33 12.32 20.07
N PRO B 18 -39.42 12.83 19.50
CA PRO B 18 -40.06 12.14 18.37
C PRO B 18 -39.10 11.83 17.23
N GLY B 19 -38.51 12.86 16.64
CA GLY B 19 -37.57 12.68 15.54
C GLY B 19 -36.45 11.72 15.89
N GLN B 20 -35.87 11.92 17.06
CA GLN B 20 -34.80 11.03 17.54
C GLN B 20 -35.29 9.60 17.62
N ALA B 21 -36.55 9.42 17.99
CA ALA B 21 -37.11 8.08 18.17
C ALA B 21 -37.23 7.37 16.83
N ALA B 22 -37.62 8.12 15.80
CA ALA B 22 -37.66 7.62 14.44
C ALA B 22 -36.25 7.16 14.02
N VAL B 23 -35.26 7.98 14.33
CA VAL B 23 -33.86 7.69 14.04
C VAL B 23 -33.41 6.37 14.68
N ALA B 24 -33.62 6.24 15.98
CA ALA B 24 -33.27 5.00 16.69
C ALA B 24 -33.99 3.78 16.09
N SER B 25 -35.27 3.95 15.79
CA SER B 25 -36.08 2.88 15.20
C SER B 25 -35.51 2.44 13.86
N ALA B 26 -35.25 3.41 12.98
CA ALA B 26 -34.72 3.10 11.67
C ALA B 26 -33.40 2.33 11.76
N TYR B 27 -32.54 2.72 12.70
CA TYR B 27 -31.20 2.14 12.79
C TYR B 27 -31.17 0.71 13.29
N GLN B 28 -32.26 0.23 13.88
CA GLN B 28 -32.32 -1.14 14.36
C GLN B 28 -32.24 -2.11 13.20
N ARG B 29 -32.41 -1.61 11.99
CA ARG B 29 -32.33 -2.45 10.79
C ARG B 29 -31.04 -2.23 10.01
N PHE B 30 -30.21 -1.29 10.49
CA PHE B 30 -28.94 -0.96 9.86
C PHE B 30 -28.06 -2.22 9.71
N GLU B 31 -27.65 -2.51 8.47
CA GLU B 31 -26.84 -3.69 8.20
C GLU B 31 -25.40 -3.31 7.86
N PRO B 32 -24.48 -3.52 8.81
CA PRO B 32 -23.08 -3.11 8.65
C PRO B 32 -22.44 -3.62 7.35
N ARG B 33 -22.68 -4.87 7.01
CA ARG B 33 -22.05 -5.43 5.81
C ARG B 33 -22.53 -4.78 4.52
N ALA B 34 -23.82 -4.46 4.46
CA ALA B 34 -24.36 -3.74 3.31
C ALA B 34 -23.81 -2.31 3.26
N TYR B 35 -23.72 -1.65 4.42
CA TYR B 35 -23.12 -0.32 4.50
C TYR B 35 -21.65 -0.36 4.04
N LEU B 36 -20.88 -1.28 4.61
CA LEU B 36 -19.49 -1.45 4.18
C LEU B 36 -19.39 -1.64 2.67
N ARG B 37 -20.18 -2.57 2.14
CA ARG B 37 -20.24 -2.79 0.71
C ARG B 37 -20.59 -1.51 -0.06
N ASN B 38 -21.62 -0.81 0.40
CA ASN B 38 -22.11 0.38 -0.29
C ASN B 38 -21.09 1.51 -0.38
N ASN B 39 -20.36 1.76 0.71
CA ASN B 39 -19.48 2.91 0.79
C ASN B 39 -17.97 2.61 0.74
N TYR B 40 -17.57 1.38 1.02
CA TYR B 40 -16.15 1.11 1.17
C TYR B 40 -15.58 0.03 0.24
N ALA B 41 -16.45 -0.76 -0.36
CA ALA B 41 -16.06 -1.60 -1.48
C ALA B 41 -16.18 -0.77 -2.77
N PRO B 42 -15.57 -1.25 -3.86
CA PRO B 42 -15.70 -0.52 -5.14
C PRO B 42 -17.18 -0.36 -5.53
N PRO B 43 -17.51 0.68 -6.31
CA PRO B 43 -16.60 1.67 -6.88
C PRO B 43 -16.15 2.78 -5.91
N ARG B 44 -16.94 3.05 -4.87
CA ARG B 44 -16.56 4.10 -3.91
C ARG B 44 -15.30 3.73 -3.15
N GLY B 45 -15.05 2.43 -3.01
CA GLY B 45 -13.89 1.95 -2.31
C GLY B 45 -12.68 1.79 -3.22
N ASP B 46 -12.81 2.24 -4.46
CA ASP B 46 -11.72 2.13 -5.42
C ASP B 46 -10.63 3.16 -5.15
N LEU B 47 -9.55 2.71 -4.52
CA LEU B 47 -8.49 3.62 -4.12
C LEU B 47 -7.49 3.94 -5.25
N CYS B 48 -7.69 3.32 -6.42
CA CYS B 48 -6.76 3.51 -7.53
C CYS B 48 -6.99 4.80 -8.30
N ASN B 49 -8.23 5.25 -8.38
CA ASN B 49 -8.50 6.55 -8.99
C ASN B 49 -8.37 7.68 -7.98
N PRO B 50 -7.40 8.58 -8.21
CA PRO B 50 -7.09 9.67 -7.27
C PRO B 50 -8.22 10.68 -7.23
N ASN B 51 -9.04 10.71 -8.28
CA ASN B 51 -10.20 11.60 -8.33
C ASN B 51 -11.42 11.02 -7.59
N GLY B 52 -11.27 9.81 -7.04
CA GLY B 52 -12.37 9.16 -6.36
C GLY B 52 -12.52 9.63 -4.92
N VAL B 53 -13.68 9.33 -4.32
CA VAL B 53 -13.97 9.87 -3.01
C VAL B 53 -13.10 9.22 -1.92
N GLY B 54 -12.78 7.94 -2.10
CA GLY B 54 -11.95 7.23 -1.14
C GLY B 54 -10.61 7.90 -0.90
N PRO B 55 -9.83 8.11 -1.96
CA PRO B 55 -8.55 8.81 -1.86
C PRO B 55 -8.70 10.23 -1.31
N TRP B 56 -9.75 10.93 -1.72
CA TRP B 56 -10.01 12.28 -1.20
C TRP B 56 -10.18 12.27 0.33
N LYS B 57 -10.99 11.34 0.84
CA LYS B 57 -11.15 11.18 2.28
C LYS B 57 -9.79 11.03 2.95
N LEU B 58 -9.03 10.02 2.53
CA LEU B 58 -7.75 9.71 3.15
C LEU B 58 -6.76 10.87 3.03
N ARG B 59 -6.82 11.57 1.91
CA ARG B 59 -5.94 12.69 1.67
C ARG B 59 -6.21 13.82 2.68
N CYS B 60 -7.48 14.17 2.87
CA CYS B 60 -7.85 15.23 3.81
C CYS B 60 -7.29 14.95 5.20
N LEU B 61 -7.44 13.71 5.65
CA LEU B 61 -6.96 13.32 6.97
C LEU B 61 -5.43 13.38 7.04
N ALA B 62 -4.76 12.81 6.04
CA ALA B 62 -3.31 12.74 6.01
C ALA B 62 -2.69 14.12 6.06
N GLN B 63 -3.13 15.00 5.15
CA GLN B 63 -2.60 16.35 5.08
C GLN B 63 -2.85 17.12 6.37
N THR B 64 -4.01 16.94 6.98
CA THR B 64 -4.33 17.62 8.21
C THR B 64 -3.36 17.20 9.31
N PHE B 65 -3.19 15.89 9.47
CA PHE B 65 -2.29 15.38 10.49
C PHE B 65 -0.81 15.69 10.17
N ALA B 66 -0.50 15.82 8.88
CA ALA B 66 0.86 16.12 8.48
C ALA B 66 1.30 17.53 8.89
N THR B 67 0.35 18.41 9.20
CA THR B 67 0.70 19.77 9.63
C THR B 67 1.38 19.74 10.99
N GLY B 68 1.19 18.65 11.74
CA GLY B 68 1.73 18.54 13.08
C GLY B 68 0.94 19.32 14.11
N GLU B 69 -0.05 20.10 13.65
CA GLU B 69 -0.82 20.95 14.54
C GLU B 69 -1.94 20.21 15.27
N VAL B 70 -2.21 18.97 14.88
CA VAL B 70 -3.26 18.21 15.52
C VAL B 70 -2.66 17.05 16.26
N SER B 71 -2.40 17.23 17.56
CA SER B 71 -1.78 16.19 18.37
C SER B 71 -2.16 16.31 19.84
N GLY B 72 -1.93 15.23 20.58
CA GLY B 72 -2.21 15.20 22.00
C GLY B 72 -2.11 13.79 22.54
N ARG B 73 -2.72 13.55 23.68
CA ARG B 73 -2.70 12.23 24.29
C ARG B 73 -3.91 11.42 23.85
N THR B 74 -5.09 12.04 23.86
CA THR B 74 -6.32 11.28 23.64
C THR B 74 -7.19 11.77 22.49
N LEU B 75 -7.83 10.80 21.85
CA LEU B 75 -8.71 11.10 20.73
C LEU B 75 -9.99 10.29 20.87
N ILE B 76 -11.13 10.90 20.56
CA ILE B 76 -12.39 10.18 20.51
C ILE B 76 -12.97 10.22 19.11
N ASP B 77 -13.25 9.06 18.53
CA ASP B 77 -13.90 8.98 17.22
C ASP B 77 -15.38 8.79 17.47
N ILE B 78 -16.18 9.70 16.92
CA ILE B 78 -17.60 9.82 17.21
C ILE B 78 -18.42 9.19 16.11
N GLY B 79 -19.18 8.15 16.45
CA GLY B 79 -19.98 7.44 15.46
C GLY B 79 -19.10 6.69 14.48
N SER B 80 -18.20 5.87 14.99
CA SER B 80 -17.24 5.14 14.14
C SER B 80 -17.93 4.20 13.17
N GLY B 81 -19.10 3.70 13.56
CA GLY B 81 -19.75 2.68 12.77
C GLY B 81 -18.83 1.48 12.68
N PRO B 82 -18.82 0.80 11.53
CA PRO B 82 -17.96 -0.36 11.41
C PRO B 82 -16.66 -0.06 10.63
N THR B 83 -16.24 1.20 10.62
CA THR B 83 -15.11 1.61 9.78
C THR B 83 -13.96 2.16 10.62
N VAL B 84 -12.74 1.99 10.11
CA VAL B 84 -11.53 2.44 10.81
C VAL B 84 -10.62 3.33 9.95
N TYR B 85 -10.89 3.40 8.64
CA TYR B 85 -10.10 4.23 7.75
C TYR B 85 -9.87 5.64 8.31
N GLN B 86 -10.90 6.15 8.99
CA GLN B 86 -10.88 7.52 9.52
C GLN B 86 -9.85 7.74 10.62
N LEU B 87 -9.21 6.66 11.07
CA LEU B 87 -8.22 6.78 12.13
C LEU B 87 -6.79 6.42 11.67
N LEU B 88 -6.67 5.94 10.44
CA LEU B 88 -5.39 5.47 9.92
C LEU B 88 -4.25 6.49 10.03
N SER B 89 -4.49 7.73 9.58
CA SER B 89 -3.49 8.78 9.68
C SER B 89 -3.42 9.34 11.09
N ALA B 90 -4.55 9.31 11.80
CA ALA B 90 -4.61 9.86 13.16
C ALA B 90 -3.77 9.08 14.16
N CYS B 91 -3.71 7.77 13.97
CA CYS B 91 -3.22 6.87 15.02
C CYS B 91 -1.75 7.08 15.40
N SER B 92 -0.97 7.75 14.55
CA SER B 92 0.43 8.04 14.90
C SER B 92 0.56 9.30 15.76
N HIS B 93 -0.53 10.01 15.96
CA HIS B 93 -0.48 11.25 16.73
C HIS B 93 -1.19 11.16 18.08
N PHE B 94 -1.84 10.03 18.35
CA PHE B 94 -2.51 9.86 19.65
C PHE B 94 -2.25 8.50 20.31
N GLU B 95 -1.78 8.55 21.56
CA GLU B 95 -1.51 7.35 22.37
C GLU B 95 -2.80 6.58 22.68
N ASP B 96 -3.85 7.33 22.98
CA ASP B 96 -5.10 6.74 23.45
C ASP B 96 -6.27 7.12 22.55
N ILE B 97 -6.87 6.12 21.93
CA ILE B 97 -7.99 6.35 21.03
C ILE B 97 -9.26 5.64 21.51
N THR B 98 -10.33 6.41 21.61
CA THR B 98 -11.65 5.87 21.88
C THR B 98 -12.46 5.77 20.58
N MET B 99 -13.03 4.60 20.31
CA MET B 99 -13.98 4.45 19.22
C MET B 99 -15.38 4.32 19.82
N THR B 100 -16.40 4.67 19.05
CA THR B 100 -17.77 4.66 19.57
C THR B 100 -18.79 4.32 18.49
N ASP B 101 -19.90 3.72 18.91
CA ASP B 101 -21.08 3.69 18.06
C ASP B 101 -22.37 3.40 18.81
N PHE B 102 -23.46 3.90 18.25
CA PHE B 102 -24.79 3.70 18.77
C PHE B 102 -25.16 2.21 18.75
N LEU B 103 -24.80 1.52 17.67
CA LEU B 103 -25.23 0.14 17.45
C LEU B 103 -24.25 -0.92 17.92
N GLU B 104 -24.75 -1.88 18.69
CA GLU B 104 -23.95 -3.02 19.11
C GLU B 104 -23.34 -3.76 17.92
N VAL B 105 -24.10 -3.93 16.85
CA VAL B 105 -23.59 -4.69 15.70
C VAL B 105 -22.38 -4.04 15.07
N ASN B 106 -22.30 -2.72 15.15
CA ASN B 106 -21.12 -2.01 14.65
C ASN B 106 -19.93 -2.21 15.59
N ARG B 107 -20.19 -2.09 16.89
CA ARG B 107 -19.14 -2.27 17.87
C ARG B 107 -18.53 -3.65 17.75
N GLN B 108 -19.36 -4.66 17.49
CA GLN B 108 -18.91 -6.02 17.25
C GLN B 108 -18.06 -6.11 15.98
N GLU B 109 -18.45 -5.37 14.97
CA GLU B 109 -17.74 -5.37 13.71
C GLU B 109 -16.31 -4.90 13.95
N LEU B 110 -16.18 -3.80 14.68
CA LEU B 110 -14.86 -3.29 15.05
C LEU B 110 -14.14 -4.33 15.90
N GLY B 111 -14.90 -5.03 16.74
CA GLY B 111 -14.35 -6.06 17.60
C GLY B 111 -13.66 -7.14 16.80
N ARG B 112 -14.20 -7.45 15.63
CA ARG B 112 -13.64 -8.49 14.79
C ARG B 112 -12.35 -7.99 14.17
N TRP B 113 -12.32 -6.72 13.82
CA TRP B 113 -11.13 -6.18 13.19
C TRP B 113 -10.04 -6.07 14.23
N LEU B 114 -10.41 -5.63 15.43
CA LEU B 114 -9.46 -5.47 16.52
C LEU B 114 -8.77 -6.79 16.89
N GLN B 115 -9.52 -7.90 16.80
CA GLN B 115 -8.96 -9.21 17.08
C GLN B 115 -8.28 -9.77 15.83
N GLU B 116 -8.31 -9.01 14.74
CA GLU B 116 -7.61 -9.41 13.52
C GLU B 116 -8.15 -10.73 13.00
N GLU B 117 -9.45 -10.93 13.13
CA GLU B 117 -10.09 -12.15 12.65
C GLU B 117 -10.23 -12.10 11.13
N PRO B 118 -10.32 -13.27 10.49
CA PRO B 118 -10.50 -13.37 9.04
C PRO B 118 -11.86 -12.84 8.61
N GLY B 119 -12.89 -13.14 9.39
CA GLY B 119 -14.22 -12.70 9.09
C GLY B 119 -14.37 -11.19 9.10
N ALA B 120 -13.39 -10.51 9.68
CA ALA B 120 -13.43 -9.05 9.79
C ALA B 120 -13.38 -8.42 8.43
N PHE B 121 -13.92 -7.21 8.31
CA PHE B 121 -13.78 -6.49 7.07
C PHE B 121 -12.31 -6.25 6.81
N ASN B 122 -11.92 -6.29 5.54
CA ASN B 122 -10.54 -6.10 5.16
C ASN B 122 -10.26 -4.64 4.79
N TRP B 123 -9.53 -3.97 5.67
CA TRP B 123 -9.18 -2.57 5.50
C TRP B 123 -7.79 -2.34 4.90
N SER B 124 -7.11 -3.41 4.50
CA SER B 124 -5.70 -3.31 4.13
C SER B 124 -5.42 -2.40 2.93
N MET B 125 -6.32 -2.35 1.94
CA MET B 125 -6.17 -1.39 0.85
C MET B 125 -6.11 0.05 1.36
N TYR B 126 -6.99 0.36 2.32
CA TYR B 126 -7.03 1.69 2.94
C TYR B 126 -5.75 1.95 3.73
N SER B 127 -5.33 0.96 4.51
CA SER B 127 -4.10 1.09 5.29
C SER B 127 -2.91 1.37 4.40
N GLN B 128 -2.77 0.57 3.35
CA GLN B 128 -1.67 0.75 2.40
C GLN B 128 -1.73 2.13 1.74
N HIS B 129 -2.91 2.54 1.33
CA HIS B 129 -3.04 3.85 0.68
C HIS B 129 -2.65 4.97 1.64
N ALA B 130 -3.11 4.85 2.88
CA ALA B 130 -2.69 5.80 3.92
C ALA B 130 -1.17 5.85 4.06
N CYS B 131 -0.52 4.70 4.07
CA CYS B 131 0.94 4.65 4.12
C CYS B 131 1.54 5.33 2.89
N LEU B 132 0.95 5.06 1.73
CA LEU B 132 1.42 5.64 0.47
C LEU B 132 1.45 7.17 0.53
N ILE B 133 0.34 7.79 0.91
CA ILE B 133 0.25 9.26 0.86
C ILE B 133 0.87 9.96 2.06
N GLU B 134 1.06 9.23 3.17
CA GLU B 134 1.77 9.81 4.32
C GLU B 134 3.27 9.96 4.01
N GLY B 135 3.74 9.14 3.08
CA GLY B 135 5.09 9.28 2.54
C GLY B 135 6.26 9.01 3.48
N LYS B 136 6.06 8.14 4.46
CA LYS B 136 7.13 7.81 5.40
C LYS B 136 7.62 6.37 5.19
N GLY B 137 7.21 5.77 4.08
CA GLY B 137 7.61 4.43 3.74
C GLY B 137 7.17 3.37 4.76
N GLU B 138 6.14 3.68 5.52
CA GLU B 138 5.63 2.74 6.51
C GLU B 138 4.89 1.61 5.78
N CYS B 139 5.10 0.37 6.20
CA CYS B 139 4.33 -0.72 5.65
C CYS B 139 2.95 -0.73 6.30
N TRP B 140 1.99 -1.35 5.66
CA TRP B 140 0.62 -1.28 6.13
C TRP B 140 0.36 -2.14 7.36
N GLN B 141 1.15 -3.21 7.52
CA GLN B 141 1.01 -4.05 8.70
C GLN B 141 1.41 -3.31 9.96
N ASP B 142 2.38 -2.40 9.85
CA ASP B 142 2.80 -1.64 11.02
C ASP B 142 1.73 -0.63 11.37
N LYS B 143 1.22 0.04 10.35
CA LYS B 143 0.12 0.98 10.48
C LYS B 143 -1.04 0.33 11.24
N GLU B 144 -1.47 -0.85 10.79
CA GLU B 144 -2.61 -1.55 11.37
C GLU B 144 -2.31 -2.01 12.78
N ARG B 145 -1.10 -2.52 12.99
CA ARG B 145 -0.69 -2.98 14.32
C ARG B 145 -0.77 -1.83 15.33
N GLN B 146 -0.36 -0.64 14.89
CA GLN B 146 -0.35 0.53 15.77
C GLN B 146 -1.75 1.08 16.10
N LEU B 147 -2.65 1.06 15.13
CA LEU B 147 -4.02 1.50 15.37
C LEU B 147 -4.65 0.53 16.36
N ARG B 148 -4.46 -0.76 16.12
CA ARG B 148 -4.98 -1.79 17.01
C ARG B 148 -4.46 -1.64 18.43
N ALA B 149 -3.22 -1.18 18.57
CA ALA B 149 -2.64 -0.96 19.89
C ALA B 149 -3.21 0.28 20.55
N ARG B 150 -3.47 1.31 19.75
CA ARG B 150 -3.84 2.61 20.28
C ARG B 150 -5.34 2.79 20.53
N VAL B 151 -6.16 1.88 20.00
CA VAL B 151 -7.58 1.86 20.34
C VAL B 151 -7.76 1.25 21.73
N LYS B 152 -8.05 2.08 22.73
CA LYS B 152 -8.11 1.63 24.12
C LYS B 152 -9.50 1.18 24.59
N ARG B 153 -10.52 1.50 23.80
CA ARG B 153 -11.88 1.11 24.15
C ARG B 153 -12.85 1.36 22.99
N VAL B 154 -13.95 0.61 22.98
CA VAL B 154 -15.03 0.79 22.03
C VAL B 154 -16.35 0.97 22.78
N LEU B 155 -16.88 2.19 22.77
CA LEU B 155 -18.00 2.54 23.64
C LEU B 155 -19.30 2.84 22.91
N PRO B 156 -20.42 2.58 23.58
CA PRO B 156 -21.75 3.02 23.14
C PRO B 156 -21.76 4.55 23.14
N ILE B 157 -22.52 5.15 22.22
CA ILE B 157 -22.64 6.60 22.20
C ILE B 157 -23.99 7.01 21.62
N ASP B 158 -24.55 8.10 22.12
CA ASP B 158 -25.73 8.72 21.53
C ASP B 158 -25.51 10.23 21.52
N VAL B 159 -25.34 10.81 20.34
CA VAL B 159 -24.97 12.22 20.22
C VAL B 159 -26.12 13.15 20.55
N HIS B 160 -27.32 12.61 20.70
CA HIS B 160 -28.48 13.42 21.04
C HIS B 160 -28.57 13.65 22.53
N GLN B 161 -27.88 12.83 23.30
CA GLN B 161 -27.79 13.04 24.74
C GLN B 161 -26.83 14.20 25.02
N PRO B 162 -27.13 15.00 26.05
CA PRO B 162 -26.25 16.10 26.46
C PRO B 162 -24.90 15.55 26.91
N GLN B 163 -24.91 14.34 27.45
CA GLN B 163 -23.69 13.59 27.73
C GLN B 163 -23.67 12.37 26.82
N PRO B 164 -23.07 12.51 25.63
CA PRO B 164 -23.14 11.49 24.58
C PRO B 164 -22.59 10.14 24.99
N LEU B 165 -21.65 10.12 25.93
CA LEU B 165 -21.04 8.87 26.37
C LEU B 165 -21.70 8.36 27.64
N GLY B 166 -22.63 9.14 28.17
CA GLY B 166 -23.27 8.81 29.43
C GLY B 166 -22.51 9.43 30.58
N ALA B 167 -22.94 9.15 31.80
CA ALA B 167 -22.31 9.73 32.97
C ALA B 167 -21.16 8.85 33.49
N GLY B 168 -20.07 9.50 33.89
CA GLY B 168 -18.91 8.80 34.43
C GLY B 168 -18.36 7.76 33.49
N SER B 169 -18.32 8.10 32.20
CA SER B 169 -17.87 7.18 31.16
C SER B 169 -16.43 6.76 31.38
N PRO B 170 -16.01 5.69 30.70
CA PRO B 170 -14.64 5.20 30.76
C PRO B 170 -13.67 6.12 30.03
N ALA B 171 -14.19 6.93 29.11
CA ALA B 171 -13.33 7.71 28.25
C ALA B 171 -12.58 8.79 29.01
N PRO B 172 -11.30 8.97 28.68
CA PRO B 172 -10.53 10.08 29.24
C PRO B 172 -11.12 11.41 28.76
N LEU B 173 -11.58 12.23 29.70
CA LEU B 173 -12.22 13.50 29.33
C LEU B 173 -11.58 14.68 30.05
N PRO B 174 -11.49 15.83 29.37
CA PRO B 174 -11.90 15.97 27.97
C PRO B 174 -10.78 15.54 27.04
N ALA B 175 -11.13 15.15 25.82
CA ALA B 175 -10.16 14.68 24.84
C ALA B 175 -9.44 15.85 24.19
N ASP B 176 -8.21 15.60 23.74
CA ASP B 176 -7.47 16.60 22.99
C ASP B 176 -8.01 16.76 21.57
N ALA B 177 -8.65 15.72 21.05
CA ALA B 177 -9.15 15.77 19.68
C ALA B 177 -10.38 14.90 19.44
N LEU B 178 -11.18 15.32 18.47
CA LEU B 178 -12.37 14.58 18.06
C LEU B 178 -12.28 14.28 16.57
N VAL B 179 -12.70 13.07 16.20
CA VAL B 179 -12.91 12.71 14.81
C VAL B 179 -14.36 12.27 14.69
N SER B 180 -15.01 12.67 13.61
CA SER B 180 -16.36 12.19 13.37
C SER B 180 -16.65 12.16 11.87
N ALA B 181 -16.94 10.98 11.35
CA ALA B 181 -17.16 10.84 9.92
C ALA B 181 -18.56 10.32 9.61
N PHE B 182 -19.33 11.16 8.90
CA PHE B 182 -20.64 10.76 8.39
C PHE B 182 -21.60 10.31 9.48
N CYS B 183 -21.51 10.95 10.64
CA CYS B 183 -22.38 10.61 11.75
C CYS B 183 -23.50 11.62 12.00
N LEU B 184 -23.14 12.86 12.34
CA LEU B 184 -24.12 13.86 12.75
C LEU B 184 -25.27 14.04 11.77
N GLU B 185 -24.96 14.29 10.50
CA GLU B 185 -26.01 14.48 9.50
C GLU B 185 -26.80 13.21 9.27
N ALA B 186 -26.18 12.06 9.57
CA ALA B 186 -26.80 10.77 9.28
C ALA B 186 -27.73 10.30 10.39
N VAL B 187 -27.78 11.03 11.50
CA VAL B 187 -28.61 10.59 12.62
C VAL B 187 -29.50 11.71 13.17
N SER B 188 -29.50 12.85 12.48
CA SER B 188 -30.25 14.03 12.89
C SER B 188 -31.43 14.30 11.93
N PRO B 189 -32.65 14.33 12.46
CA PRO B 189 -33.85 14.53 11.64
C PRO B 189 -33.87 15.90 10.93
N ASP B 190 -33.19 16.89 11.49
CA ASP B 190 -33.24 18.24 10.95
C ASP B 190 -32.01 19.02 11.37
N LEU B 191 -31.86 20.23 10.84
CA LEU B 191 -30.68 21.04 11.13
C LEU B 191 -30.54 21.40 12.62
N ALA B 192 -31.65 21.69 13.27
CA ALA B 192 -31.63 22.04 14.69
C ALA B 192 -31.07 20.91 15.54
N SER B 193 -31.45 19.68 15.19
CA SER B 193 -30.97 18.48 15.86
C SER B 193 -29.48 18.30 15.61
N PHE B 194 -29.08 18.53 14.36
CA PHE B 194 -27.68 18.48 13.96
C PHE B 194 -26.85 19.42 14.84
N GLN B 195 -27.33 20.65 14.99
CA GLN B 195 -26.66 21.65 15.79
C GLN B 195 -26.51 21.21 17.24
N ARG B 196 -27.58 20.67 17.81
CA ARG B 196 -27.52 20.19 19.19
C ARG B 196 -26.57 19.00 19.32
N ALA B 197 -26.60 18.11 18.34
CA ALA B 197 -25.65 16.98 18.33
C ALA B 197 -24.23 17.51 18.36
N LEU B 198 -23.95 18.49 17.51
CA LEU B 198 -22.64 19.12 17.46
C LEU B 198 -22.29 19.77 18.81
N ASP B 199 -23.29 20.37 19.45
CA ASP B 199 -23.12 20.98 20.76
C ASP B 199 -22.76 19.92 21.80
N HIS B 200 -23.46 18.78 21.75
CA HIS B 200 -23.22 17.72 22.73
C HIS B 200 -21.80 17.13 22.62
N ILE B 201 -21.36 16.81 21.40
CA ILE B 201 -20.04 16.18 21.26
C ILE B 201 -18.93 17.17 21.60
N THR B 202 -19.23 18.46 21.48
CA THR B 202 -18.24 19.49 21.76
C THR B 202 -17.89 19.57 23.24
N THR B 203 -18.79 19.09 24.10
CA THR B 203 -18.52 19.08 25.54
C THR B 203 -17.43 18.07 25.88
N LEU B 204 -17.08 17.22 24.92
CA LEU B 204 -16.09 16.17 25.15
C LEU B 204 -14.68 16.62 24.79
N LEU B 205 -14.60 17.70 24.02
CA LEU B 205 -13.32 18.22 23.53
C LEU B 205 -12.79 19.34 24.43
N ARG B 206 -11.49 19.31 24.73
CA ARG B 206 -10.88 20.36 25.53
C ARG B 206 -10.87 21.66 24.76
N PRO B 207 -10.91 22.79 25.47
CA PRO B 207 -10.74 24.09 24.80
C PRO B 207 -9.40 24.11 24.08
N GLY B 208 -9.40 24.53 22.82
CA GLY B 208 -8.16 24.53 22.05
C GLY B 208 -7.93 23.22 21.33
N GLY B 209 -8.75 22.23 21.63
CA GLY B 209 -8.68 20.95 20.94
C GLY B 209 -9.22 21.06 19.54
N HIS B 210 -9.00 20.02 18.74
CA HIS B 210 -9.38 20.03 17.34
C HIS B 210 -10.49 19.03 17.01
N LEU B 211 -11.33 19.41 16.06
CA LEU B 211 -12.36 18.52 15.54
C LEU B 211 -12.20 18.34 14.04
N LEU B 212 -12.15 17.10 13.60
CA LEU B 212 -12.11 16.79 12.18
C LEU B 212 -13.44 16.19 11.83
N LEU B 213 -14.19 16.89 10.99
CA LEU B 213 -15.55 16.49 10.68
C LEU B 213 -15.70 16.23 9.20
N ILE B 214 -16.02 14.98 8.86
CA ILE B 214 -16.30 14.59 7.48
C ILE B 214 -17.76 14.22 7.40
N GLY B 215 -18.41 14.56 6.30
CA GLY B 215 -19.82 14.24 6.16
C GLY B 215 -20.40 14.44 4.79
N ALA B 216 -21.63 13.95 4.61
CA ALA B 216 -22.34 14.05 3.35
C ALA B 216 -23.01 15.42 3.17
N LEU B 217 -22.97 15.93 1.95
CA LEU B 217 -23.63 17.20 1.63
C LEU B 217 -24.90 16.95 0.84
N GLU B 218 -25.96 17.66 1.21
CA GLU B 218 -27.27 17.58 0.54
C GLU B 218 -27.80 16.17 0.40
N GLU B 219 -27.58 15.33 1.41
CA GLU B 219 -28.09 13.97 1.41
C GLU B 219 -29.35 13.86 2.27
N SER B 220 -30.40 13.22 1.73
CA SER B 220 -31.65 13.06 2.48
C SER B 220 -31.92 11.61 2.87
N TRP B 221 -31.36 10.65 2.14
CA TRP B 221 -31.54 9.25 2.50
C TRP B 221 -30.34 8.38 2.10
N TYR B 222 -30.19 7.24 2.76
CA TYR B 222 -29.25 6.21 2.32
C TYR B 222 -29.70 4.82 2.76
N LEU B 223 -29.20 3.81 2.07
CA LEU B 223 -29.59 2.43 2.37
C LEU B 223 -28.48 1.68 3.07
N ALA B 224 -28.87 0.79 3.98
CA ALA B 224 -27.93 -0.13 4.61
C ALA B 224 -28.63 -1.47 4.78
N GLY B 225 -28.86 -2.15 3.66
CA GLY B 225 -29.58 -3.41 3.67
C GLY B 225 -31.08 -3.17 3.57
N GLU B 226 -31.82 -3.67 4.56
CA GLU B 226 -33.27 -3.48 4.61
C GLU B 226 -33.56 -2.07 5.08
N ALA B 227 -32.74 -1.60 6.03
CA ALA B 227 -32.92 -0.28 6.61
C ALA B 227 -32.71 0.82 5.59
N ARG B 228 -33.73 1.65 5.42
CA ARG B 228 -33.61 2.90 4.68
C ARG B 228 -33.63 4.03 5.72
N LEU B 229 -32.62 4.90 5.68
CA LEU B 229 -32.46 5.90 6.73
C LEU B 229 -32.61 7.33 6.24
N THR B 230 -33.26 8.16 7.06
CA THR B 230 -33.48 9.55 6.70
C THR B 230 -32.41 10.46 7.25
N VAL B 231 -31.82 11.24 6.35
CA VAL B 231 -30.69 12.09 6.64
C VAL B 231 -31.11 13.54 6.44
N VAL B 232 -30.71 14.43 7.35
CA VAL B 232 -30.89 15.85 7.11
C VAL B 232 -29.87 16.30 6.06
N PRO B 233 -30.36 16.88 4.96
CA PRO B 233 -29.47 17.39 3.92
C PRO B 233 -28.88 18.72 4.33
N VAL B 234 -27.57 18.80 4.48
CA VAL B 234 -26.91 20.04 4.86
C VAL B 234 -25.99 20.56 3.76
N SER B 235 -25.72 21.86 3.78
CA SER B 235 -24.82 22.48 2.83
C SER B 235 -23.52 22.83 3.53
N GLU B 236 -22.50 23.16 2.74
CA GLU B 236 -21.24 23.63 3.30
C GLU B 236 -21.46 24.82 4.24
N GLU B 237 -22.24 25.80 3.80
CA GLU B 237 -22.44 27.00 4.61
C GLU B 237 -23.19 26.72 5.89
N GLU B 238 -24.12 25.77 5.85
CA GLU B 238 -24.81 25.33 7.06
C GLU B 238 -23.86 24.60 8.02
N VAL B 239 -22.87 23.90 7.46
CA VAL B 239 -21.88 23.23 8.29
C VAL B 239 -20.93 24.23 8.94
N ARG B 240 -20.53 25.25 8.18
CA ARG B 240 -19.69 26.29 8.73
C ARG B 240 -20.42 27.01 9.87
N GLU B 241 -21.67 27.38 9.64
CA GLU B 241 -22.42 28.13 10.64
C GLU B 241 -22.51 27.34 11.95
N ALA B 242 -22.81 26.05 11.85
CA ALA B 242 -22.95 25.22 13.05
C ALA B 242 -21.65 25.22 13.85
N LEU B 243 -20.53 25.13 13.16
CA LEU B 243 -19.22 25.06 13.80
C LEU B 243 -18.91 26.34 14.56
N VAL B 244 -19.19 27.47 13.91
CA VAL B 244 -19.08 28.77 14.56
C VAL B 244 -20.06 28.83 15.74
N ARG B 245 -21.28 28.35 15.52
CA ARG B 245 -22.33 28.38 16.52
C ARG B 245 -21.99 27.53 17.75
N SER B 246 -21.08 26.57 17.58
CA SER B 246 -20.69 25.69 18.68
C SER B 246 -19.41 26.12 19.40
N GLY B 247 -18.80 27.19 18.91
CA GLY B 247 -17.60 27.71 19.56
C GLY B 247 -16.31 27.28 18.91
N TYR B 248 -16.37 26.99 17.61
CA TYR B 248 -15.18 26.60 16.86
C TYR B 248 -14.70 27.72 15.96
N LYS B 249 -13.39 27.78 15.76
CA LYS B 249 -12.84 28.51 14.62
C LYS B 249 -12.59 27.49 13.51
N VAL B 250 -13.08 27.79 12.31
CA VAL B 250 -12.91 26.88 11.18
C VAL B 250 -11.55 27.12 10.54
N ARG B 251 -10.70 26.10 10.56
CA ARG B 251 -9.35 26.22 10.04
C ARG B 251 -9.33 25.80 8.58
N ASP B 252 -10.29 24.94 8.22
CA ASP B 252 -10.35 24.37 6.88
C ASP B 252 -11.71 23.74 6.63
N LEU B 253 -12.27 23.98 5.45
CA LEU B 253 -13.53 23.36 5.05
C LEU B 253 -13.51 23.07 3.54
N ARG B 254 -13.41 21.80 3.19
CA ARG B 254 -13.24 21.41 1.79
C ARG B 254 -14.47 20.67 1.28
N THR B 255 -14.71 20.79 -0.02
CA THR B 255 -15.87 20.15 -0.63
C THR B 255 -15.45 19.24 -1.77
N TYR B 256 -15.94 18.02 -1.73
CA TYR B 256 -15.79 17.08 -2.83
C TYR B 256 -17.14 16.86 -3.51
N ILE B 257 -17.22 17.17 -4.80
CA ILE B 257 -18.44 16.95 -5.54
C ILE B 257 -18.49 15.52 -6.05
N MET B 258 -19.48 14.77 -5.59
CA MET B 258 -19.60 13.37 -5.97
C MET B 258 -19.77 13.21 -7.48
N PRO B 259 -18.87 12.45 -8.11
CA PRO B 259 -18.96 12.17 -9.55
C PRO B 259 -20.15 11.25 -9.80
N ALA B 260 -20.76 11.36 -10.98
CA ALA B 260 -21.96 10.59 -11.26
C ALA B 260 -21.73 9.07 -11.13
N HIS B 261 -20.57 8.61 -11.58
CA HIS B 261 -20.26 7.18 -11.56
C HIS B 261 -20.13 6.64 -10.13
N LEU B 262 -20.05 7.54 -9.16
CA LEU B 262 -19.98 7.11 -7.76
C LEU B 262 -21.33 7.32 -7.07
N GLN B 263 -22.25 7.97 -7.77
CA GLN B 263 -23.61 8.12 -7.26
C GLN B 263 -24.42 6.91 -7.73
N THR B 264 -24.59 5.96 -6.82
CA THR B 264 -24.92 4.58 -7.17
C THR B 264 -26.32 4.10 -6.82
N GLY B 265 -27.14 4.96 -6.23
CA GLY B 265 -28.47 4.55 -5.84
C GLY B 265 -28.51 3.95 -4.44
N VAL B 266 -27.40 4.03 -3.72
CA VAL B 266 -27.37 3.65 -2.32
C VAL B 266 -27.76 4.85 -1.45
N ASP B 267 -27.72 6.04 -2.05
CA ASP B 267 -28.13 7.26 -1.37
C ASP B 267 -28.39 8.37 -2.39
N ASP B 268 -28.60 9.59 -1.91
CA ASP B 268 -28.73 10.71 -2.82
C ASP B 268 -27.70 11.78 -2.48
N VAL B 269 -26.54 11.35 -1.99
CA VAL B 269 -25.46 12.26 -1.65
C VAL B 269 -25.05 13.06 -2.88
N LYS B 270 -24.83 14.36 -2.71
CA LYS B 270 -24.38 15.20 -3.81
C LYS B 270 -22.89 15.52 -3.68
N GLY B 271 -22.37 15.41 -2.47
CA GLY B 271 -20.97 15.68 -2.21
C GLY B 271 -20.57 15.37 -0.79
N VAL B 272 -19.31 15.64 -0.49
CA VAL B 272 -18.76 15.35 0.83
C VAL B 272 -17.98 16.57 1.32
N PHE B 273 -18.08 16.85 2.62
CA PHE B 273 -17.35 17.97 3.21
C PHE B 273 -16.36 17.46 4.22
N PHE B 274 -15.25 18.19 4.34
CA PHE B 274 -14.26 17.91 5.36
C PHE B 274 -13.98 19.21 6.11
N ALA B 275 -14.12 19.17 7.41
CA ALA B 275 -13.85 20.35 8.22
C ALA B 275 -12.79 20.07 9.27
N TRP B 276 -11.79 20.94 9.33
CA TRP B 276 -10.87 20.97 10.44
C TRP B 276 -11.20 22.19 11.27
N ALA B 277 -11.69 21.97 12.48
CA ALA B 277 -12.11 23.07 13.35
C ALA B 277 -11.42 22.99 14.68
N GLN B 278 -11.11 24.15 15.24
CA GLN B 278 -10.47 24.21 16.55
C GLN B 278 -11.42 24.85 17.57
N LYS B 279 -11.68 24.14 18.66
CA LYS B 279 -12.55 24.66 19.72
C LYS B 279 -11.95 25.86 20.43
N VAL B 280 -12.68 26.97 20.42
CA VAL B 280 -12.23 28.20 21.05
C VAL B 280 -12.14 28.06 22.57
N GLY B 281 -11.06 28.61 23.15
CA GLY B 281 -10.88 28.58 24.59
C GLY B 281 -9.42 28.52 25.02
#